data_6IP4
#
_entry.id   6IP4
#
_cell.length_a   128.794
_cell.length_b   128.794
_cell.length_c   230.642
_cell.angle_alpha   90.00
_cell.angle_beta   90.00
_cell.angle_gamma   120.00
#
_symmetry.space_group_name_H-M   'P 62 2 2'
#
loop_
_entity.id
_entity.type
_entity.pdbx_description
1 polymer 'Arabidopsis JMJ13'
2 polymer 'Histone H3.2'
3 non-polymer 'NICKEL (II) ION'
4 non-polymer 'ZINC ION'
5 non-polymer N-OXALYLGLYCINE
6 non-polymer 'SULFATE ION'
7 water water
#
loop_
_entity_poly.entity_id
_entity_poly.type
_entity_poly.pdbx_seq_one_letter_code
_entity_poly.pdbx_strand_id
1 'polypeptide(L)'
;SETDDLKWTERLPECPVYRPTKEEFEDPLTYLQKIFPEASKYGICKIVSPLTATVPAGAVLMKEKSNFKFTTRVQPLRLA
EWDSDDKVTFFMSGRTYTFRDYEKMANKVFARRYCSGGSLPDSFLEKEFWKEIACGKTETVEYACDVDGSAFSSAPGDPL
GSSKWNLNKVSRLPKSTLRLLETSIPGVTEPMLYIGMLFSMFAWHVEDHYLYSINYQHCGASKTWYGIPGSAALKFEKVV
KECVYNDDILSTNGEDGAFDVLLGKTTIFPPKTLLDHNVPVYKAVQKPGEFVVTFPRAYHAGFSHGFNCGEAVNFAMGDW
FPFGAIASCRYAHLNRVPLLPHEELICKEAMLLNSSSKSENLDLTPTELSGQRSIKTAFVHLIRFLHLARWSLMKSGLCT
GLVSNTYGTIVCSLCKRDCYLAFINCECYSHPVCLRHDVKKLDLPCGTTHTLYLRDNIEDMEAAAMKFEKEDGVSDLITT
DEDLYKYPSS
;
A
2 'polypeptide(L)' AAR(M3L)SAPATGGV B
#
# COMPACT_ATOMS: atom_id res chain seq x y z
N ASP A 5 1.86 21.48 23.73
CA ASP A 5 1.16 21.14 24.97
C ASP A 5 1.04 19.64 25.15
N LEU A 6 0.72 18.96 24.04
CA LEU A 6 0.74 17.51 23.92
C LEU A 6 -0.39 16.81 24.66
N LYS A 7 -1.38 17.56 25.18
CA LYS A 7 -2.56 16.91 25.75
C LYS A 7 -3.35 16.16 24.69
N TRP A 8 -3.27 16.60 23.42
CA TRP A 8 -4.00 15.92 22.36
C TRP A 8 -3.69 14.43 22.31
N THR A 9 -2.42 14.06 22.54
CA THR A 9 -2.02 12.65 22.51
C THR A 9 -2.92 11.81 23.43
N GLU A 10 -3.24 12.34 24.61
CA GLU A 10 -3.99 11.56 25.57
C GLU A 10 -5.44 11.41 25.16
N ARG A 11 -5.98 12.35 24.37
CA ARG A 11 -7.39 12.37 24.03
C ARG A 11 -7.64 11.96 22.57
N LEU A 12 -6.64 11.41 21.90
CA LEU A 12 -6.84 10.80 20.59
C LEU A 12 -7.72 9.56 20.71
N PRO A 13 -8.76 9.41 19.89
CA PRO A 13 -9.58 8.20 19.96
C PRO A 13 -8.83 7.01 19.42
N GLU A 14 -9.02 5.86 20.07
CA GLU A 14 -8.38 4.64 19.58
C GLU A 14 -9.20 4.04 18.45
N CYS A 15 -8.52 3.28 17.59
CA CYS A 15 -9.15 2.57 16.48
C CYS A 15 -9.82 1.30 17.01
N PRO A 16 -10.68 0.66 16.21
CA PRO A 16 -11.30 -0.59 16.68
C PRO A 16 -10.26 -1.70 16.89
N VAL A 17 -10.42 -2.44 17.97
CA VAL A 17 -9.65 -3.65 18.28
C VAL A 17 -10.60 -4.84 18.17
N TYR A 18 -10.26 -5.82 17.33
CA TYR A 18 -11.00 -7.07 17.22
C TYR A 18 -10.15 -8.19 17.80
N ARG A 19 -10.76 -9.08 18.59
CA ARG A 19 -10.11 -10.25 19.19
C ARG A 19 -10.88 -11.50 18.80
N PRO A 20 -10.76 -11.96 17.55
CA PRO A 20 -11.52 -13.13 17.14
C PRO A 20 -11.06 -14.38 17.84
N THR A 21 -11.96 -15.35 17.91
CA THR A 21 -11.53 -16.67 18.35
C THR A 21 -10.92 -17.42 17.19
N LYS A 22 -10.25 -18.53 17.51
CA LYS A 22 -9.65 -19.36 16.47
C LYS A 22 -10.64 -19.69 15.37
N GLU A 23 -11.86 -20.08 15.75
CA GLU A 23 -12.87 -20.42 14.74
C GLU A 23 -13.26 -19.20 13.92
N GLU A 24 -13.27 -18.02 14.53
CA GLU A 24 -13.53 -16.80 13.80
C GLU A 24 -12.36 -16.39 12.91
N PHE A 25 -11.14 -16.80 13.25
CA PHE A 25 -9.92 -16.29 12.57
C PHE A 25 -9.85 -16.54 11.07
N GLU A 26 -10.13 -17.76 10.66
CA GLU A 26 -10.24 -18.07 9.23
C GLU A 26 -8.99 -17.55 8.52
N ASP A 27 -9.12 -16.82 7.42
CA ASP A 27 -8.04 -16.12 6.73
C ASP A 27 -8.28 -14.62 6.81
N PRO A 28 -7.23 -13.80 6.73
CA PRO A 28 -7.42 -12.36 6.97
C PRO A 28 -8.37 -11.68 5.98
N LEU A 29 -8.49 -12.17 4.75
CA LEU A 29 -9.34 -11.46 3.81
C LEU A 29 -10.82 -11.70 4.10
N THR A 30 -11.19 -12.94 4.41
CA THR A 30 -12.56 -13.22 4.83
C THR A 30 -12.89 -12.49 6.12
N TYR A 31 -11.95 -12.47 7.06
CA TYR A 31 -12.22 -11.75 8.32
C TYR A 31 -12.43 -10.27 8.06
N LEU A 32 -11.58 -9.68 7.21
CA LEU A 32 -11.72 -8.27 6.90
C LEU A 32 -13.03 -8.03 6.19
N GLN A 33 -13.46 -9.00 5.38
CA GLN A 33 -14.79 -9.00 4.79
C GLN A 33 -15.85 -8.79 5.85
N LYS A 34 -15.80 -9.64 6.89
CA LYS A 34 -16.81 -9.60 7.94
C LYS A 34 -16.80 -8.26 8.68
N ILE A 35 -15.62 -7.79 9.10
CA ILE A 35 -15.58 -6.56 9.90
C ILE A 35 -15.55 -5.27 9.08
N PHE A 36 -15.53 -5.34 7.74
CA PHE A 36 -15.35 -4.16 6.90
C PHE A 36 -16.35 -3.02 7.17
N PRO A 37 -17.66 -3.26 7.29
CA PRO A 37 -18.58 -2.10 7.36
C PRO A 37 -18.35 -1.18 8.55
N GLU A 38 -17.65 -1.59 9.59
CA GLU A 38 -17.31 -0.63 10.63
C GLU A 38 -15.84 -0.21 10.58
N ALA A 39 -14.92 -1.20 10.48
CA ALA A 39 -13.51 -0.82 10.49
C ALA A 39 -13.16 0.08 9.29
N SER A 40 -13.78 -0.19 8.14
CA SER A 40 -13.69 0.68 6.97
C SER A 40 -13.76 2.17 7.34
N LYS A 41 -14.66 2.54 8.22
CA LYS A 41 -14.84 3.96 8.55
C LYS A 41 -13.65 4.63 9.22
N TYR A 42 -12.77 3.82 9.81
CA TYR A 42 -11.68 4.35 10.61
C TYR A 42 -10.36 4.41 9.85
N GLY A 43 -10.27 3.71 8.71
CA GLY A 43 -9.03 3.64 7.96
C GLY A 43 -7.97 2.73 8.53
N ILE A 44 -8.09 2.35 9.79
CA ILE A 44 -7.02 1.69 10.53
C ILE A 44 -7.72 0.80 11.53
N CYS A 45 -7.20 -0.40 11.73
CA CYS A 45 -7.78 -1.25 12.77
C CYS A 45 -6.73 -2.22 13.24
N LYS A 46 -7.06 -2.91 14.31
CA LYS A 46 -6.13 -3.77 15.00
C LYS A 46 -6.82 -5.09 15.33
N ILE A 47 -6.14 -6.19 15.04
CA ILE A 47 -6.66 -7.54 15.22
C ILE A 47 -5.65 -8.31 16.08
N VAL A 48 -6.08 -8.77 17.25
CA VAL A 48 -5.21 -9.55 18.12
C VAL A 48 -5.21 -10.99 17.65
N SER A 49 -4.05 -11.54 17.38
CA SER A 49 -3.98 -12.90 16.84
C SER A 49 -4.34 -13.90 17.92
N PRO A 50 -5.31 -14.80 17.68
CA PRO A 50 -5.58 -15.86 18.64
C PRO A 50 -4.67 -17.07 18.47
N LEU A 51 -3.69 -16.98 17.57
CA LEU A 51 -2.72 -18.05 17.30
C LEU A 51 -1.32 -17.59 17.66
N THR A 52 -0.64 -18.36 18.53
CA THR A 52 0.72 -18.10 18.95
C THR A 52 1.68 -18.86 18.05
N ALA A 53 2.84 -18.26 17.77
CA ALA A 53 3.90 -18.97 17.05
C ALA A 53 4.57 -19.96 17.98
N THR A 54 4.90 -21.15 17.47
CA THR A 54 5.68 -22.09 18.26
C THR A 54 7.16 -21.72 18.24
N VAL A 55 7.67 -21.28 17.09
CA VAL A 55 9.07 -20.86 16.97
C VAL A 55 9.08 -19.34 16.89
N PRO A 56 9.64 -18.63 17.87
CA PRO A 56 9.61 -17.16 17.85
C PRO A 56 10.49 -16.58 16.74
N ALA A 57 10.29 -15.30 16.48
CA ALA A 57 10.86 -14.67 15.29
C ALA A 57 12.38 -14.69 15.30
N GLY A 58 12.98 -14.39 16.46
CA GLY A 58 14.44 -14.47 16.54
C GLY A 58 14.95 -15.86 16.22
N ALA A 59 14.23 -16.88 16.69
CA ALA A 59 14.65 -18.25 16.44
C ALA A 59 14.46 -18.62 14.98
N VAL A 60 13.36 -18.20 14.37
CA VAL A 60 13.17 -18.50 12.95
C VAL A 60 14.23 -17.79 12.11
N LEU A 61 14.64 -16.58 12.51
CA LEU A 61 15.64 -15.85 11.74
C LEU A 61 17.04 -16.43 11.93
N MET A 62 17.32 -16.97 13.12
CA MET A 62 18.66 -17.46 13.42
C MET A 62 18.86 -18.91 12.96
N LYS A 63 17.82 -19.73 13.13
CA LYS A 63 17.91 -21.14 12.78
C LYS A 63 17.32 -21.61 11.44
N GLU A 64 16.10 -21.17 11.13
CA GLU A 64 15.48 -21.57 9.88
C GLU A 64 16.16 -20.91 8.69
N LYS A 65 16.60 -19.67 8.85
CA LYS A 65 17.40 -18.96 7.86
C LYS A 65 18.87 -18.92 8.29
N SER A 66 19.76 -18.93 7.30
CA SER A 66 21.19 -19.03 7.51
C SER A 66 21.87 -17.69 7.26
N ASN A 67 22.75 -17.31 8.19
CA ASN A 67 23.53 -16.07 8.10
C ASN A 67 22.65 -14.87 7.82
N PHE A 68 21.46 -14.83 8.41
CA PHE A 68 20.57 -13.70 8.16
C PHE A 68 21.18 -12.44 8.74
N LYS A 69 21.40 -11.46 7.87
CA LYS A 69 21.84 -10.13 8.22
C LYS A 69 21.04 -9.17 7.35
N PHE A 70 21.15 -7.88 7.67
CA PHE A 70 20.40 -6.88 6.92
C PHE A 70 21.11 -5.54 7.08
N THR A 71 20.85 -4.65 6.14
CA THR A 71 21.44 -3.32 6.19
C THR A 71 20.33 -2.35 6.56
N THR A 72 20.70 -1.26 7.19
CA THR A 72 19.77 -0.27 7.68
C THR A 72 19.91 1.01 6.87
N ARG A 73 18.94 1.89 7.13
CA ARG A 73 18.84 3.20 6.54
C ARG A 73 18.68 4.20 7.66
N VAL A 74 19.20 5.41 7.44
CA VAL A 74 19.30 6.46 8.46
C VAL A 74 18.27 7.54 8.16
N GLN A 75 17.40 7.80 9.11
CA GLN A 75 16.39 8.84 8.92
C GLN A 75 16.67 10.04 9.80
N PRO A 76 16.37 11.21 9.32
CA PRO A 76 16.57 12.36 10.16
C PRO A 76 15.22 12.65 10.75
N LEU A 77 15.09 12.50 12.07
CA LEU A 77 13.80 12.65 12.75
C LEU A 77 13.14 14.03 12.71
N ARG A 78 13.95 15.03 13.07
CA ARG A 78 13.57 16.43 13.02
C ARG A 78 14.80 17.35 13.03
N LEU A 79 15.12 18.06 11.94
CA LEU A 79 16.25 19.00 12.04
C LEU A 79 16.21 20.12 11.00
N ALA A 80 16.96 21.21 11.24
CA ALA A 80 16.94 22.28 10.26
C ALA A 80 16.78 21.60 8.94
N GLU A 81 15.86 22.12 8.12
CA GLU A 81 15.47 21.40 6.91
C GLU A 81 16.65 20.84 6.14
N TRP A 82 16.52 19.56 5.81
CA TRP A 82 17.57 18.84 5.12
C TRP A 82 17.30 18.90 3.63
N ASP A 83 18.28 19.42 2.92
CA ASP A 83 18.19 19.55 1.47
C ASP A 83 18.37 18.19 0.80
N SER A 84 17.97 18.11 -0.47
CA SER A 84 17.87 16.82 -1.15
C SER A 84 19.22 16.10 -1.24
N ASP A 85 20.30 16.86 -1.44
CA ASP A 85 21.63 16.28 -1.51
C ASP A 85 22.05 15.65 -0.18
N ASP A 86 21.93 16.42 0.90
CA ASP A 86 22.29 15.93 2.22
C ASP A 86 21.41 14.74 2.55
N LYS A 87 20.13 14.85 2.20
CA LYS A 87 19.18 13.76 2.43
C LYS A 87 19.67 12.45 1.79
N VAL A 88 19.87 12.49 0.47
CA VAL A 88 20.16 11.28 -0.28
C VAL A 88 21.48 10.66 0.16
N THR A 89 22.47 11.47 0.55
CA THR A 89 23.75 10.86 0.92
C THR A 89 23.60 10.00 2.18
N PHE A 90 22.92 10.50 3.21
CA PHE A 90 22.90 9.71 4.43
C PHE A 90 21.72 8.75 4.52
N PHE A 91 20.88 8.65 3.52
CA PHE A 91 19.79 7.71 3.66
C PHE A 91 20.25 6.28 3.80
N MET A 92 21.24 5.88 3.02
CA MET A 92 21.77 4.53 3.14
C MET A 92 23.22 4.50 3.66
N SER A 93 23.60 5.42 4.57
CA SER A 93 24.89 5.29 5.23
C SER A 93 24.90 4.12 6.20
N GLY A 94 23.72 3.73 6.68
CA GLY A 94 23.53 2.66 7.64
C GLY A 94 24.39 1.44 7.47
N ARG A 95 24.86 0.90 8.59
CA ARG A 95 25.68 -0.32 8.61
C ARG A 95 24.84 -1.60 8.62
N THR A 96 25.44 -2.70 8.18
CA THR A 96 24.77 -4.00 8.16
C THR A 96 24.90 -4.64 9.55
N TYR A 97 23.79 -5.10 10.08
CA TYR A 97 23.73 -5.78 11.36
C TYR A 97 23.17 -7.19 11.20
N THR A 98 23.29 -7.90 12.33
CA THR A 98 22.78 -9.24 12.61
C THR A 98 21.66 -9.02 13.65
N PHE A 99 20.54 -9.75 13.55
CA PHE A 99 19.39 -9.47 14.40
C PHE A 99 19.83 -9.20 15.85
N ARG A 100 20.68 -10.05 16.36
CA ARG A 100 21.14 -9.93 17.71
C ARG A 100 21.85 -8.62 17.94
N ASP A 101 22.61 -8.16 16.97
CA ASP A 101 23.42 -6.97 17.18
C ASP A 101 22.60 -5.69 17.02
N TYR A 102 21.72 -5.66 16.01
CA TYR A 102 20.78 -4.54 15.94
C TYR A 102 19.98 -4.42 17.22
N GLU A 103 19.43 -5.53 17.73
CA GLU A 103 18.73 -5.46 19.00
C GLU A 103 19.62 -4.85 20.07
N LYS A 104 20.85 -5.38 20.20
CA LYS A 104 21.74 -4.94 21.28
C LYS A 104 22.03 -3.45 21.18
N MET A 105 22.35 -2.99 19.98
CA MET A 105 22.67 -1.59 19.77
C MET A 105 21.48 -0.70 20.11
N ALA A 106 20.28 -1.11 19.68
CA ALA A 106 19.11 -0.28 19.94
C ALA A 106 18.84 -0.19 21.42
N ASN A 107 19.01 -1.30 22.11
CA ASN A 107 18.73 -1.28 23.53
C ASN A 107 19.81 -0.48 24.27
N LYS A 108 21.06 -0.46 23.76
CA LYS A 108 22.09 0.40 24.37
C LYS A 108 21.75 1.88 24.19
N VAL A 109 21.30 2.27 23.00
CA VAL A 109 20.98 3.69 22.82
C VAL A 109 19.79 4.09 23.69
N PHE A 110 18.85 3.15 23.86
CA PHE A 110 17.68 3.35 24.73
C PHE A 110 18.07 3.50 26.22
N ALA A 111 18.95 2.63 26.71
CA ALA A 111 19.49 2.73 28.05
C ALA A 111 20.16 4.09 28.26
N ARG A 112 20.94 4.48 27.27
CA ARG A 112 21.66 5.74 27.32
C ARG A 112 20.68 6.89 27.46
N ARG A 113 19.54 6.81 26.80
CA ARG A 113 18.60 7.93 26.87
C ARG A 113 17.85 7.98 28.19
N TYR A 114 17.55 6.81 28.79
CA TYR A 114 16.65 6.75 29.93
C TYR A 114 17.23 5.98 31.12
N CYS A 115 18.55 5.76 31.15
CA CYS A 115 19.29 5.16 32.26
C CYS A 115 18.97 3.68 32.46
N SER A 116 17.95 3.20 31.78
CA SER A 116 17.54 1.82 31.80
C SER A 116 16.93 1.49 30.43
N GLY A 117 17.08 0.24 30.00
CA GLY A 117 16.52 -0.20 28.76
C GLY A 117 15.18 -0.90 28.87
N GLY A 118 14.61 -1.00 30.08
CA GLY A 118 13.28 -1.56 30.20
C GLY A 118 12.26 -0.72 29.45
N SER A 119 11.35 -1.41 28.74
CA SER A 119 10.27 -0.74 28.04
C SER A 119 9.60 0.28 28.97
N LEU A 120 9.19 1.41 28.42
CA LEU A 120 8.52 2.48 29.18
C LEU A 120 7.04 2.59 28.80
N PRO A 121 6.23 3.32 29.60
CA PRO A 121 4.79 3.45 29.29
C PRO A 121 4.53 4.17 27.97
N ASP A 122 3.46 3.75 27.30
CA ASP A 122 3.23 4.21 25.93
C ASP A 122 3.03 5.71 25.87
N SER A 123 2.24 6.25 26.81
CA SER A 123 1.99 7.69 26.81
C SER A 123 3.28 8.47 26.94
N PHE A 124 4.18 7.99 27.81
CA PHE A 124 5.47 8.64 28.00
C PHE A 124 6.26 8.67 26.70
N LEU A 125 6.46 7.50 26.09
CA LEU A 125 7.33 7.45 24.92
C LEU A 125 6.70 8.19 23.73
N GLU A 126 5.38 8.25 23.67
CA GLU A 126 4.74 9.01 22.59
C GLU A 126 4.94 10.51 22.77
N LYS A 127 4.69 11.00 23.99
CA LYS A 127 4.97 12.40 24.27
C LYS A 127 6.43 12.72 24.01
N GLU A 128 7.32 11.77 24.34
CA GLU A 128 8.74 11.99 24.11
C GLU A 128 9.04 12.09 22.63
N PHE A 129 8.41 11.25 21.81
CA PHE A 129 8.67 11.30 20.38
C PHE A 129 8.28 12.67 19.82
N TRP A 130 7.10 13.16 20.21
CA TRP A 130 6.64 14.41 19.62
C TRP A 130 7.43 15.61 20.14
N LYS A 131 7.85 15.59 21.42
CA LYS A 131 8.70 16.67 21.89
C LYS A 131 10.10 16.58 21.30
N GLU A 132 10.62 15.38 21.07
CA GLU A 132 11.94 15.24 20.47
C GLU A 132 11.94 15.80 19.08
N ILE A 133 10.84 15.59 18.39
CA ILE A 133 10.74 16.09 17.05
C ILE A 133 10.76 17.60 17.06
N ALA A 134 10.00 18.18 17.96
CA ALA A 134 9.92 19.61 18.05
C ALA A 134 11.20 20.30 18.43
N CYS A 135 11.97 19.77 19.37
CA CYS A 135 13.21 20.42 19.74
C CYS A 135 14.37 19.57 20.17
N GLY A 136 14.37 18.32 19.83
CA GLY A 136 15.42 17.40 20.24
C GLY A 136 16.75 17.67 19.62
N LYS A 137 17.81 17.25 20.27
CA LYS A 137 19.13 17.47 19.69
C LYS A 137 19.65 16.27 18.91
N THR A 138 19.04 15.09 19.08
CA THR A 138 19.46 13.93 18.30
C THR A 138 19.09 14.12 16.85
N GLU A 139 19.96 13.62 15.98
CA GLU A 139 19.81 13.91 14.58
C GLU A 139 19.14 12.80 13.78
N THR A 140 19.40 11.54 14.13
CA THR A 140 19.06 10.46 13.21
C THR A 140 18.72 9.19 13.95
N VAL A 141 17.94 8.34 13.29
CA VAL A 141 17.63 7.00 13.77
C VAL A 141 17.87 6.02 12.64
N GLU A 142 18.20 4.78 13.01
CA GLU A 142 18.43 3.72 12.04
C GLU A 142 17.22 2.78 12.03
N TYR A 143 16.66 2.58 10.85
CA TYR A 143 15.54 1.67 10.69
C TYR A 143 15.78 0.70 9.53
N ALA A 144 15.62 -0.59 9.80
CA ALA A 144 15.77 -1.61 8.74
C ALA A 144 14.41 -1.82 8.08
N CYS A 145 14.02 -0.81 7.33
CA CYS A 145 12.86 -0.90 6.43
C CYS A 145 13.10 -1.96 5.37
N ASP A 146 12.00 -2.47 4.85
CA ASP A 146 11.97 -3.06 3.50
C ASP A 146 13.03 -4.15 3.33
N VAL A 147 13.15 -5.01 4.32
CA VAL A 147 14.04 -6.15 4.24
C VAL A 147 13.26 -7.31 3.64
N ASP A 148 13.87 -8.02 2.70
CA ASP A 148 13.25 -9.19 2.12
C ASP A 148 13.62 -10.41 2.96
N GLY A 149 12.60 -11.13 3.42
CA GLY A 149 12.75 -12.08 4.49
C GLY A 149 11.50 -12.13 5.31
N SER A 150 11.37 -13.21 6.06
CA SER A 150 10.13 -13.49 6.77
C SER A 150 10.46 -14.16 8.09
N ALA A 151 9.70 -13.79 9.12
CA ALA A 151 9.90 -14.30 10.45
C ALA A 151 8.82 -15.30 10.83
N PHE A 152 7.92 -15.63 9.92
CA PHE A 152 6.99 -16.73 10.15
C PHE A 152 7.75 -18.04 9.98
N SER A 153 7.47 -19.00 10.84
CA SER A 153 8.17 -20.26 10.81
C SER A 153 7.70 -21.10 9.62
N SER A 154 8.66 -21.74 8.96
CA SER A 154 8.32 -22.75 7.95
C SER A 154 7.96 -24.09 8.57
N ALA A 155 8.13 -24.23 9.89
CA ALA A 155 7.86 -25.49 10.56
C ALA A 155 6.39 -25.87 10.39
N PRO A 156 6.09 -27.15 10.15
CA PRO A 156 4.68 -27.54 9.96
C PRO A 156 3.85 -27.46 11.24
N GLY A 157 4.47 -27.69 12.39
CA GLY A 157 3.72 -27.64 13.63
C GLY A 157 3.22 -26.25 13.98
N ASP A 158 3.98 -25.21 13.63
CA ASP A 158 3.70 -23.86 14.10
C ASP A 158 2.28 -23.42 13.74
N PRO A 159 1.43 -23.14 14.71
CA PRO A 159 0.03 -22.79 14.38
C PRO A 159 -0.11 -21.51 13.60
N LEU A 160 0.67 -20.49 13.93
CA LEU A 160 0.65 -19.24 13.18
C LEU A 160 1.26 -19.43 11.80
N GLY A 161 2.44 -20.08 11.73
CA GLY A 161 3.12 -20.24 10.46
C GLY A 161 2.31 -21.08 9.47
N SER A 162 1.60 -22.08 9.99
CA SER A 162 0.77 -22.96 9.17
C SER A 162 -0.63 -22.41 8.93
N SER A 163 -0.93 -21.21 9.44
CA SER A 163 -2.23 -20.60 9.25
C SER A 163 -2.24 -19.70 8.03
N LYS A 164 -3.44 -19.31 7.60
CA LYS A 164 -3.56 -18.40 6.46
C LYS A 164 -3.30 -16.95 6.84
N TRP A 165 -2.86 -16.71 8.08
CA TRP A 165 -2.53 -15.36 8.54
C TRP A 165 -1.04 -15.02 8.31
N ASN A 166 -0.26 -16.02 7.91
CA ASN A 166 1.15 -15.86 7.65
C ASN A 166 1.11 -14.95 6.44
N LEU A 167 1.89 -13.89 6.51
CA LEU A 167 1.91 -12.90 5.47
C LEU A 167 2.38 -13.55 4.18
N ASN A 168 3.12 -14.65 4.26
CA ASN A 168 3.63 -15.21 3.01
C ASN A 168 2.49 -15.76 2.16
N LYS A 169 1.42 -16.20 2.80
CA LYS A 169 0.34 -16.86 2.10
C LYS A 169 -0.76 -15.91 1.63
N VAL A 170 -0.72 -14.64 2.03
CA VAL A 170 -1.92 -13.82 1.86
C VAL A 170 -2.13 -13.43 0.40
N SER A 171 -1.06 -13.04 -0.32
CA SER A 171 -1.33 -12.50 -1.64
C SER A 171 -1.88 -13.56 -2.59
N ARG A 172 -1.66 -14.84 -2.30
CA ARG A 172 -2.22 -15.90 -3.15
C ARG A 172 -3.54 -16.44 -2.59
N LEU A 173 -4.11 -15.81 -1.56
CA LEU A 173 -5.38 -16.23 -1.00
C LEU A 173 -6.52 -16.06 -2.00
N PRO A 174 -7.58 -16.87 -1.88
CA PRO A 174 -8.66 -16.82 -2.89
C PRO A 174 -9.26 -15.45 -3.12
N LYS A 175 -9.41 -14.64 -2.08
CA LYS A 175 -9.99 -13.31 -2.22
C LYS A 175 -8.93 -12.23 -2.42
N SER A 176 -7.67 -12.61 -2.59
CA SER A 176 -6.61 -11.67 -2.95
C SER A 176 -6.67 -11.40 -4.45
N THR A 177 -7.12 -10.20 -4.82
CA THR A 177 -7.18 -9.88 -6.23
C THR A 177 -5.80 -9.87 -6.89
N LEU A 178 -4.73 -9.84 -6.10
CA LEU A 178 -3.38 -9.89 -6.65
C LEU A 178 -2.86 -11.31 -6.78
N ARG A 179 -3.64 -12.31 -6.35
CA ARG A 179 -3.39 -13.70 -6.70
C ARG A 179 -3.26 -13.89 -8.21
N LEU A 180 -3.90 -13.03 -8.98
CA LEU A 180 -3.84 -13.07 -10.42
C LEU A 180 -2.59 -12.51 -10.98
N LEU A 181 -1.78 -11.89 -10.16
CA LEU A 181 -0.59 -11.27 -10.62
C LEU A 181 0.34 -12.24 -11.18
N GLU A 182 0.90 -11.79 -12.26
CA GLU A 182 1.86 -12.45 -13.11
C GLU A 182 3.22 -12.68 -12.59
N THR A 183 3.77 -11.60 -12.07
CA THR A 183 5.12 -11.53 -11.59
C THR A 183 5.15 -11.00 -10.16
N SER A 184 6.13 -11.35 -9.36
CA SER A 184 6.12 -10.94 -7.97
C SER A 184 6.55 -9.48 -7.82
N ILE A 185 6.06 -8.83 -6.76
CA ILE A 185 6.39 -7.46 -6.46
C ILE A 185 6.79 -7.36 -4.98
N PRO A 186 8.02 -6.96 -4.67
CA PRO A 186 8.42 -6.84 -3.25
C PRO A 186 7.48 -5.94 -2.47
N GLY A 187 7.08 -6.43 -1.29
CA GLY A 187 6.16 -5.71 -0.45
C GLY A 187 4.71 -5.79 -0.86
N VAL A 188 4.43 -6.25 -2.08
CA VAL A 188 3.08 -6.28 -2.61
C VAL A 188 2.58 -7.71 -2.78
N THR A 189 3.38 -8.55 -3.40
CA THR A 189 3.19 -9.97 -3.60
C THR A 189 3.80 -10.79 -2.48
N GLU A 190 4.87 -10.27 -1.87
CA GLU A 190 5.68 -10.91 -0.87
C GLU A 190 5.88 -9.94 0.27
N PRO A 191 5.87 -10.42 1.52
CA PRO A 191 6.06 -9.53 2.67
C PRO A 191 7.45 -8.95 2.72
N MET A 192 7.62 -7.97 3.58
CA MET A 192 8.94 -7.50 3.93
C MET A 192 9.04 -7.28 5.43
N LEU A 193 10.28 -7.43 5.92
CA LEU A 193 10.57 -7.23 7.33
C LEU A 193 10.88 -5.76 7.61
N TYR A 194 10.40 -5.29 8.74
CA TYR A 194 10.68 -3.95 9.26
C TYR A 194 11.23 -4.12 10.67
N ILE A 195 12.43 -3.62 10.90
CA ILE A 195 13.09 -3.76 12.18
C ILE A 195 13.39 -2.36 12.69
N GLY A 196 12.80 -2.01 13.84
CA GLY A 196 12.84 -0.66 14.35
C GLY A 196 13.58 -0.55 15.68
N MET A 197 13.83 0.71 16.04
CA MET A 197 14.43 1.10 17.29
C MET A 197 13.68 2.32 17.80
N LEU A 198 14.08 2.83 18.96
CA LEU A 198 13.43 3.98 19.57
C LEU A 198 13.29 5.13 18.57
N PHE A 199 12.05 5.55 18.32
CA PHE A 199 11.65 6.73 17.55
C PHE A 199 11.90 6.58 16.05
N SER A 200 12.29 5.39 15.59
CA SER A 200 12.32 5.11 14.16
C SER A 200 10.88 5.15 13.62
N MET A 201 10.69 5.91 12.55
CA MET A 201 9.34 6.36 12.17
C MET A 201 9.01 5.90 10.74
N PHE A 202 7.72 5.95 10.44
CA PHE A 202 7.22 5.94 9.05
C PHE A 202 6.29 7.12 8.85
N ALA A 203 6.67 8.05 7.97
CA ALA A 203 5.89 9.26 7.80
C ALA A 203 4.59 8.98 7.06
N TRP A 204 3.76 10.02 6.98
CA TRP A 204 2.44 9.93 6.37
C TRP A 204 2.53 9.48 4.92
N HIS A 205 1.79 8.43 4.59
CA HIS A 205 1.74 7.87 3.25
C HIS A 205 0.36 7.26 3.06
N VAL A 206 -0.02 7.14 1.79
CA VAL A 206 -1.28 6.52 1.38
C VAL A 206 -1.04 5.15 0.71
N GLU A 207 0.19 4.66 0.83
CA GLU A 207 0.59 3.37 0.26
C GLU A 207 0.70 3.46 -1.25
N ASP A 208 0.81 2.31 -1.91
CA ASP A 208 0.86 2.29 -3.36
C ASP A 208 -0.46 1.75 -3.86
N HIS A 209 -1.13 2.51 -4.73
CA HIS A 209 -2.42 2.06 -5.23
C HIS A 209 -3.57 2.05 -4.25
N TYR A 210 -3.33 2.65 -3.12
CA TYR A 210 -4.31 2.80 -2.09
C TYR A 210 -4.46 1.38 -1.67
N LEU A 211 -3.57 0.50 -2.01
CA LEU A 211 -3.82 -0.84 -1.60
C LEU A 211 -3.90 -0.97 -0.08
N TYR A 212 -4.57 -2.01 0.37
CA TYR A 212 -4.56 -2.35 1.78
C TYR A 212 -3.15 -2.65 2.25
N SER A 213 -2.91 -2.43 3.54
CA SER A 213 -1.70 -2.95 4.17
C SER A 213 -2.08 -3.82 5.37
N ILE A 214 -1.31 -4.88 5.59
CA ILE A 214 -1.43 -5.68 6.81
C ILE A 214 -0.02 -5.87 7.40
N ASN A 215 0.12 -5.55 8.68
CA ASN A 215 1.39 -5.56 9.39
C ASN A 215 1.23 -6.37 10.67
N TYR A 216 2.16 -7.30 10.91
CA TYR A 216 2.16 -8.15 12.09
C TYR A 216 3.40 -7.82 12.91
N GLN A 217 3.24 -7.63 14.23
CA GLN A 217 4.44 -7.43 15.03
C GLN A 217 4.85 -8.77 15.67
N HIS A 218 6.09 -9.21 15.39
CA HIS A 218 6.59 -10.49 15.89
C HIS A 218 7.13 -10.36 17.31
N CYS A 219 7.73 -9.22 17.65
CA CYS A 219 8.46 -9.10 18.90
C CYS A 219 8.90 -7.65 19.11
N GLY A 220 9.23 -7.33 20.37
CA GLY A 220 9.82 -6.05 20.74
C GLY A 220 8.83 -5.03 21.27
N ALA A 221 9.30 -3.78 21.28
CA ALA A 221 8.55 -2.68 21.86
C ALA A 221 7.33 -2.35 21.01
N SER A 222 6.48 -1.54 21.60
CA SER A 222 5.23 -1.13 20.98
C SER A 222 5.50 -0.23 19.77
N LYS A 223 4.49 -0.12 18.92
CA LYS A 223 4.54 0.71 17.70
C LYS A 223 3.27 1.53 17.65
N THR A 224 3.39 2.85 17.57
CA THR A 224 2.20 3.70 17.56
C THR A 224 1.90 4.16 16.14
N TRP A 225 0.70 3.86 15.68
CA TRP A 225 0.15 4.22 14.38
C TRP A 225 -0.90 5.31 14.58
N TYR A 226 -0.88 6.29 13.68
CA TYR A 226 -1.97 7.22 13.48
C TYR A 226 -2.57 6.97 12.10
N GLY A 227 -3.88 6.70 12.06
CA GLY A 227 -4.58 6.45 10.82
C GLY A 227 -5.70 7.44 10.54
N ILE A 228 -5.86 7.79 9.27
CA ILE A 228 -6.90 8.67 8.72
C ILE A 228 -7.89 7.82 7.94
N PRO A 229 -9.20 8.05 8.07
CA PRO A 229 -10.16 7.30 7.26
C PRO A 229 -10.04 7.60 5.78
N GLY A 230 -10.24 6.56 4.95
CA GLY A 230 -10.31 6.76 3.51
C GLY A 230 -11.19 7.95 3.14
N SER A 231 -12.36 8.03 3.78
CA SER A 231 -13.27 9.16 3.62
C SER A 231 -12.56 10.51 3.66
N ALA A 232 -11.61 10.66 4.58
CA ALA A 232 -10.97 11.94 4.88
C ALA A 232 -9.76 12.23 4.00
N ALA A 233 -9.44 11.35 3.06
CA ALA A 233 -8.21 11.49 2.29
C ALA A 233 -8.08 12.86 1.64
N LEU A 234 -9.11 13.29 0.91
CA LEU A 234 -9.03 14.60 0.28
C LEU A 234 -8.79 15.66 1.33
N LYS A 235 -9.66 15.67 2.35
CA LYS A 235 -9.51 16.66 3.42
C LYS A 235 -8.10 16.63 3.98
N PHE A 236 -7.57 15.43 4.19
CA PHE A 236 -6.21 15.32 4.72
C PHE A 236 -5.25 16.13 3.87
N GLU A 237 -5.16 15.77 2.59
CA GLU A 237 -4.20 16.43 1.71
C GLU A 237 -4.49 17.92 1.64
N LYS A 238 -5.79 18.28 1.61
CA LYS A 238 -6.14 19.69 1.59
C LYS A 238 -5.44 20.42 2.74
N VAL A 239 -5.70 19.95 3.96
CA VAL A 239 -5.23 20.64 5.15
C VAL A 239 -3.71 20.74 5.10
N VAL A 240 -3.06 19.68 4.61
CA VAL A 240 -1.60 19.68 4.68
C VAL A 240 -1.06 20.87 3.91
N LYS A 241 -1.51 21.03 2.66
CA LYS A 241 -1.01 22.14 1.85
C LYS A 241 -1.33 23.46 2.51
N GLU A 242 -2.56 23.60 3.02
CA GLU A 242 -2.92 24.84 3.69
C GLU A 242 -1.96 25.11 4.85
N CYS A 243 -1.72 24.07 5.65
CA CYS A 243 -0.83 24.23 6.79
C CYS A 243 0.63 24.30 6.38
N VAL A 244 0.99 23.77 5.20
CA VAL A 244 2.32 24.05 4.68
C VAL A 244 2.33 25.47 4.10
N TYR A 245 1.20 25.91 3.56
CA TYR A 245 1.03 27.31 3.17
C TYR A 245 1.14 28.22 4.39
N ASN A 246 0.51 27.84 5.48
CA ASN A 246 0.50 28.68 6.67
C ASN A 246 1.90 28.85 7.26
N ASP A 247 2.82 28.02 6.80
CA ASP A 247 4.19 27.84 7.29
C ASP A 247 4.20 27.15 8.66
N ASP A 248 3.14 26.38 8.88
CA ASP A 248 2.89 25.61 10.06
C ASP A 248 3.54 24.31 9.70
N ILE A 249 4.41 23.88 10.59
CA ILE A 249 5.18 22.65 10.35
C ILE A 249 5.72 22.65 8.94
N LEU A 250 6.33 23.77 8.57
CA LEU A 250 6.85 24.02 7.22
C LEU A 250 7.98 23.12 6.74
N SER A 251 7.84 22.81 5.46
CA SER A 251 8.78 22.03 4.69
C SER A 251 9.81 22.98 4.05
N THR A 252 10.51 22.43 3.06
CA THR A 252 11.50 23.18 2.30
C THR A 252 10.82 24.35 1.54
N ASN A 253 9.50 24.26 1.43
CA ASN A 253 8.69 25.29 0.78
C ASN A 253 8.93 25.54 -0.71
N GLY A 254 9.21 24.47 -1.45
CA GLY A 254 9.42 24.59 -2.89
C GLY A 254 8.15 25.08 -3.58
N GLU A 255 7.01 24.54 -3.12
CA GLU A 255 5.65 24.87 -3.59
C GLU A 255 5.30 24.45 -5.01
N ASP A 256 6.07 23.54 -5.58
CA ASP A 256 5.81 23.04 -6.92
C ASP A 256 5.89 21.52 -6.94
N GLY A 257 4.93 20.86 -6.31
CA GLY A 257 4.94 19.40 -6.27
C GLY A 257 3.64 18.64 -6.25
N ALA A 258 3.77 17.40 -6.66
CA ALA A 258 2.71 16.45 -6.46
C ALA A 258 2.65 16.24 -4.92
N PHE A 259 1.52 15.75 -4.46
CA PHE A 259 1.34 15.69 -3.05
C PHE A 259 2.31 14.85 -2.30
N ASP A 260 2.69 13.66 -2.75
CA ASP A 260 3.68 12.88 -1.99
C ASP A 260 5.01 13.53 -1.96
N VAL A 261 5.36 14.23 -3.03
CA VAL A 261 6.61 14.93 -3.05
C VAL A 261 6.60 15.94 -1.91
N LEU A 262 5.53 16.69 -1.69
CA LEU A 262 5.51 17.60 -0.57
C LEU A 262 5.65 16.87 0.77
N LEU A 263 4.91 15.79 0.97
CA LEU A 263 5.02 15.07 2.19
C LEU A 263 6.43 14.62 2.42
N GLY A 264 7.12 14.25 1.36
CA GLY A 264 8.47 13.75 1.48
C GLY A 264 9.50 14.78 1.87
N LYS A 265 9.11 16.07 1.93
CA LYS A 265 10.02 17.07 2.43
C LYS A 265 9.63 17.62 3.80
N THR A 266 8.39 17.47 4.24
CA THR A 266 7.98 17.95 5.56
C THR A 266 8.61 17.14 6.69
N THR A 267 8.94 17.83 7.79
CA THR A 267 9.12 17.15 9.06
C THR A 267 7.76 16.55 9.43
N ILE A 268 7.75 15.28 9.88
CA ILE A 268 6.50 14.62 10.25
C ILE A 268 5.69 15.54 11.15
N PHE A 269 4.40 15.64 10.91
CA PHE A 269 3.69 16.64 11.70
C PHE A 269 2.73 15.97 12.69
N PRO A 270 2.43 16.60 13.82
CA PRO A 270 1.58 15.96 14.81
C PRO A 270 0.13 15.88 14.34
N PRO A 271 -0.60 14.86 14.74
CA PRO A 271 -2.05 14.82 14.46
C PRO A 271 -2.83 16.00 15.02
N LYS A 272 -2.25 16.76 15.93
CA LYS A 272 -3.04 17.85 16.49
C LYS A 272 -3.46 18.79 15.38
N THR A 273 -2.53 19.11 14.47
CA THR A 273 -2.89 20.04 13.39
C THR A 273 -4.06 19.49 12.58
N LEU A 274 -4.08 18.17 12.39
CA LEU A 274 -5.20 17.53 11.70
C LEU A 274 -6.50 17.65 12.50
N LEU A 275 -6.41 17.51 13.82
CA LEU A 275 -7.59 17.66 14.67
C LEU A 275 -8.06 19.11 14.71
N ASP A 276 -7.13 20.06 14.62
CA ASP A 276 -7.48 21.48 14.66
C ASP A 276 -8.32 21.87 13.45
N HIS A 277 -8.03 21.27 12.30
CA HIS A 277 -8.82 21.48 11.10
C HIS A 277 -9.79 20.33 10.86
N ASN A 278 -10.14 19.61 11.93
CA ASN A 278 -11.31 18.73 11.95
C ASN A 278 -11.22 17.64 10.90
N VAL A 279 -10.10 16.92 10.88
CA VAL A 279 -9.98 15.69 10.10
C VAL A 279 -9.77 14.54 11.08
N PRO A 280 -10.48 13.42 10.91
CA PRO A 280 -10.43 12.38 11.94
C PRO A 280 -9.09 11.66 11.93
N VAL A 281 -8.59 11.34 13.13
CA VAL A 281 -7.36 10.60 13.35
C VAL A 281 -7.64 9.56 14.41
N TYR A 282 -7.21 8.33 14.17
CA TYR A 282 -7.33 7.29 15.18
C TYR A 282 -5.95 6.72 15.51
N LYS A 283 -5.78 6.31 16.76
CA LYS A 283 -4.52 5.75 17.22
C LYS A 283 -4.65 4.25 17.35
N ALA A 284 -3.59 3.55 17.00
CA ALA A 284 -3.41 2.16 17.37
C ALA A 284 -2.01 2.01 17.98
N VAL A 285 -1.94 1.43 19.17
CA VAL A 285 -0.69 1.01 19.77
C VAL A 285 -0.58 -0.48 19.55
N GLN A 286 0.36 -0.91 18.71
CA GLN A 286 0.55 -2.30 18.28
C GLN A 286 1.61 -2.99 19.13
N LYS A 287 1.25 -4.16 19.67
CA LYS A 287 2.13 -5.03 20.46
C LYS A 287 2.47 -6.28 19.68
N PRO A 288 3.48 -7.03 20.11
CA PRO A 288 3.73 -8.33 19.48
C PRO A 288 2.49 -9.20 19.56
N GLY A 289 2.22 -9.92 18.48
CA GLY A 289 1.02 -10.73 18.40
C GLY A 289 -0.19 -10.02 17.85
N GLU A 290 -0.04 -8.77 17.43
CA GLU A 290 -1.13 -7.99 16.86
C GLU A 290 -0.85 -7.61 15.40
N PHE A 291 -1.92 -7.72 14.60
CA PHE A 291 -2.00 -7.26 13.22
C PHE A 291 -2.63 -5.89 13.20
N VAL A 292 -2.04 -4.98 12.43
CA VAL A 292 -2.66 -3.71 12.09
C VAL A 292 -2.99 -3.74 10.60
N VAL A 293 -4.24 -3.41 10.28
CA VAL A 293 -4.67 -3.32 8.89
C VAL A 293 -4.94 -1.85 8.61
N THR A 294 -4.40 -1.34 7.49
CA THR A 294 -4.79 -0.04 6.94
C THR A 294 -5.61 -0.30 5.69
N PHE A 295 -6.70 0.47 5.55
CA PHE A 295 -7.68 0.35 4.48
C PHE A 295 -7.26 1.19 3.26
N PRO A 296 -7.79 0.87 2.09
CA PRO A 296 -7.38 1.60 0.89
C PRO A 296 -7.61 3.09 1.04
N ARG A 297 -6.59 3.86 0.68
CA ARG A 297 -6.55 5.33 0.73
C ARG A 297 -6.53 5.89 2.15
N ALA A 298 -6.23 5.08 3.15
CA ALA A 298 -6.21 5.56 4.53
C ALA A 298 -4.79 6.03 4.87
N TYR A 299 -4.62 7.34 5.08
CA TYR A 299 -3.30 7.87 5.44
C TYR A 299 -2.87 7.39 6.81
N HIS A 300 -1.58 7.13 6.97
CA HIS A 300 -1.12 6.70 8.29
C HIS A 300 0.34 7.09 8.47
N ALA A 301 0.69 7.32 9.73
CA ALA A 301 2.06 7.59 10.14
C ALA A 301 2.31 6.85 11.45
N GLY A 302 3.55 6.79 11.89
CA GLY A 302 3.79 6.05 13.11
C GLY A 302 5.24 6.04 13.48
N PHE A 303 5.48 5.58 14.71
CA PHE A 303 6.83 5.53 15.25
C PHE A 303 6.96 4.33 16.18
N SER A 304 8.20 3.90 16.38
CA SER A 304 8.55 2.79 17.24
C SER A 304 8.95 3.25 18.65
N HIS A 305 8.63 2.42 19.63
CA HIS A 305 8.94 2.75 21.02
C HIS A 305 10.23 2.14 21.49
N GLY A 306 10.92 1.41 20.64
CA GLY A 306 12.10 0.66 21.01
C GLY A 306 12.43 -0.32 19.91
N PHE A 307 13.37 -1.21 20.19
CA PHE A 307 13.63 -2.27 19.25
C PHE A 307 12.35 -3.07 19.00
N ASN A 308 12.08 -3.38 17.73
CA ASN A 308 10.93 -4.21 17.42
C ASN A 308 11.07 -4.81 16.02
N CYS A 309 10.32 -5.86 15.78
CA CYS A 309 10.35 -6.52 14.48
C CYS A 309 8.93 -6.78 14.02
N GLY A 310 8.66 -6.41 12.77
CA GLY A 310 7.34 -6.52 12.19
C GLY A 310 7.47 -6.93 10.74
N GLU A 311 6.33 -7.28 10.16
CA GLU A 311 6.30 -7.90 8.85
C GLU A 311 5.05 -7.40 8.16
N ALA A 312 5.19 -6.94 6.92
CA ALA A 312 4.04 -6.32 6.29
C ALA A 312 3.95 -6.68 4.83
N VAL A 313 2.72 -6.67 4.34
CA VAL A 313 2.47 -6.87 2.92
C VAL A 313 1.23 -6.09 2.54
N ASN A 314 1.17 -5.72 1.25
CA ASN A 314 0.07 -4.96 0.66
C ASN A 314 -0.82 -5.90 -0.15
N PHE A 315 -2.13 -5.69 -0.11
CA PHE A 315 -3.06 -6.58 -0.80
C PHE A 315 -4.29 -5.81 -1.26
N ALA A 316 -5.13 -6.51 -2.00
CA ALA A 316 -6.34 -5.95 -2.57
C ALA A 316 -7.42 -7.02 -2.59
N MET A 317 -8.64 -6.60 -2.30
CA MET A 317 -9.85 -7.35 -2.55
C MET A 317 -10.70 -6.51 -3.48
N GLY A 318 -11.88 -7.02 -3.90
CA GLY A 318 -12.65 -6.33 -4.95
C GLY A 318 -13.19 -5.00 -4.48
N ASP A 319 -13.41 -4.87 -3.18
CA ASP A 319 -13.92 -3.59 -2.70
C ASP A 319 -12.90 -2.51 -2.92
N TRP A 320 -11.62 -2.89 -3.12
CA TRP A 320 -10.55 -1.95 -3.40
C TRP A 320 -10.63 -1.37 -4.81
N PHE A 321 -11.30 -2.06 -5.74
CA PHE A 321 -11.22 -1.64 -7.15
C PHE A 321 -11.60 -0.18 -7.40
N PRO A 322 -12.61 0.41 -6.75
CA PRO A 322 -12.87 1.83 -7.02
C PRO A 322 -11.68 2.71 -6.64
N PHE A 323 -11.03 2.39 -5.52
CA PHE A 323 -9.85 3.13 -5.07
C PHE A 323 -8.69 3.00 -6.04
N GLY A 324 -8.46 1.77 -6.52
CA GLY A 324 -7.46 1.57 -7.55
C GLY A 324 -7.66 2.53 -8.72
N ALA A 325 -8.92 2.63 -9.19
CA ALA A 325 -9.22 3.53 -10.30
C ALA A 325 -8.70 4.92 -10.02
N ILE A 326 -9.03 5.45 -8.84
CA ILE A 326 -8.65 6.81 -8.49
C ILE A 326 -7.13 6.96 -8.55
N ALA A 327 -6.41 6.01 -7.93
CA ALA A 327 -4.95 6.04 -7.94
C ALA A 327 -4.43 6.09 -9.37
N SER A 328 -4.96 5.23 -10.25
CA SER A 328 -4.55 5.19 -11.64
C SER A 328 -4.61 6.58 -12.26
N CYS A 329 -5.76 7.27 -12.12
CA CYS A 329 -5.88 8.57 -12.74
C CYS A 329 -4.80 9.51 -12.22
N ARG A 330 -4.58 9.49 -10.91
CA ARG A 330 -3.55 10.34 -10.30
C ARG A 330 -2.18 9.97 -10.86
N TYR A 331 -1.91 8.67 -10.96
CA TYR A 331 -0.69 8.18 -11.56
C TYR A 331 -0.53 8.79 -12.95
N ALA A 332 -1.62 8.74 -13.73
CA ALA A 332 -1.58 9.32 -15.06
C ALA A 332 -1.41 10.83 -14.98
N HIS A 333 -2.21 11.49 -14.13
CA HIS A 333 -2.13 12.95 -14.04
C HIS A 333 -0.70 13.38 -13.71
N LEU A 334 -0.06 12.70 -12.76
CA LEU A 334 1.32 12.98 -12.45
C LEU A 334 2.29 12.35 -13.44
N ASN A 335 1.78 11.69 -14.48
CA ASN A 335 2.59 11.03 -15.49
C ASN A 335 3.64 10.13 -14.86
N ARG A 336 3.15 9.13 -14.16
CA ARG A 336 4.00 8.16 -13.47
C ARG A 336 3.57 6.76 -13.87
N VAL A 337 4.54 5.87 -14.03
CA VAL A 337 4.20 4.49 -14.38
C VAL A 337 3.52 3.81 -13.19
N PRO A 338 2.36 3.17 -13.38
CA PRO A 338 1.62 2.62 -12.25
C PRO A 338 2.32 1.42 -11.62
N LEU A 339 1.97 1.16 -10.35
CA LEU A 339 2.47 0.00 -9.64
C LEU A 339 1.95 -1.28 -10.31
N LEU A 340 0.62 -1.40 -10.41
CA LEU A 340 -0.17 -2.57 -10.77
C LEU A 340 -0.79 -2.45 -12.17
N PRO A 341 -1.08 -3.60 -12.80
CA PRO A 341 -1.82 -3.65 -14.08
C PRO A 341 -3.31 -3.68 -13.78
N HIS A 342 -3.82 -2.48 -13.44
CA HIS A 342 -5.20 -2.28 -13.05
C HIS A 342 -6.17 -2.93 -14.04
N GLU A 343 -6.10 -2.49 -15.30
CA GLU A 343 -7.00 -2.96 -16.34
C GLU A 343 -6.98 -4.48 -16.44
N GLU A 344 -5.79 -5.05 -16.40
CA GLU A 344 -5.67 -6.50 -16.45
C GLU A 344 -6.38 -7.14 -15.27
N LEU A 345 -6.25 -6.57 -14.07
CA LEU A 345 -6.92 -7.12 -12.90
C LEU A 345 -8.44 -7.02 -12.99
N ILE A 346 -8.95 -5.86 -13.46
CA ILE A 346 -10.38 -5.73 -13.75
C ILE A 346 -10.84 -6.85 -14.68
N CYS A 347 -10.14 -7.01 -15.81
CA CYS A 347 -10.57 -7.99 -16.80
C CYS A 347 -10.55 -9.41 -16.25
N LYS A 348 -9.43 -9.82 -15.62
CA LYS A 348 -9.32 -11.19 -15.13
C LYS A 348 -10.35 -11.48 -14.05
N GLU A 349 -10.50 -10.58 -13.07
CA GLU A 349 -11.51 -10.83 -12.05
C GLU A 349 -12.90 -10.87 -12.66
N ALA A 350 -13.23 -9.90 -13.51
CA ALA A 350 -14.56 -9.84 -14.10
C ALA A 350 -14.89 -11.09 -14.92
N MET A 351 -13.95 -11.59 -15.72
CA MET A 351 -14.25 -12.82 -16.47
C MET A 351 -14.18 -14.05 -15.59
N LEU A 352 -13.60 -13.96 -14.40
CA LEU A 352 -13.77 -15.08 -13.49
C LEU A 352 -15.18 -15.07 -12.88
N LEU A 353 -15.71 -13.88 -12.61
CA LEU A 353 -17.07 -13.73 -12.11
C LEU A 353 -18.09 -14.15 -13.16
N ASN A 354 -18.01 -13.57 -14.36
CA ASN A 354 -18.56 -14.20 -15.55
C ASN A 354 -18.06 -15.64 -15.59
N SER A 355 -18.89 -16.52 -16.10
CA SER A 355 -18.57 -17.94 -16.14
C SER A 355 -18.25 -18.48 -14.75
N SER A 356 -18.93 -17.94 -13.72
CA SER A 356 -18.66 -18.43 -12.38
C SER A 356 -19.17 -19.85 -12.23
N SER A 357 -18.73 -20.48 -11.16
CA SER A 357 -19.20 -21.82 -10.88
C SER A 357 -20.71 -21.68 -10.69
N LYS A 358 -21.11 -20.63 -9.96
CA LYS A 358 -22.47 -20.19 -9.60
C LYS A 358 -23.10 -20.96 -8.43
N SER A 359 -22.37 -21.95 -7.94
CA SER A 359 -22.79 -22.74 -6.81
C SER A 359 -22.10 -22.05 -5.67
N GLU A 360 -21.33 -21.02 -5.97
CA GLU A 360 -20.65 -20.32 -4.88
C GLU A 360 -21.30 -18.98 -4.57
N ASN A 361 -21.71 -18.24 -5.61
CA ASN A 361 -22.15 -16.85 -5.45
C ASN A 361 -23.63 -16.77 -5.08
N LEU A 362 -23.96 -17.32 -3.91
CA LEU A 362 -25.35 -17.31 -3.42
C LEU A 362 -25.46 -16.53 -2.11
N ASP A 363 -25.17 -17.19 -1.00
CA ASP A 363 -25.22 -16.59 0.33
C ASP A 363 -23.80 -16.18 0.71
N LEU A 364 -23.54 -14.88 0.73
CA LEU A 364 -22.20 -14.40 1.00
C LEU A 364 -22.27 -12.99 1.54
N THR A 365 -21.16 -12.56 2.14
CA THR A 365 -21.14 -11.35 2.94
C THR A 365 -21.46 -10.12 2.10
N PRO A 366 -22.03 -9.08 2.71
CA PRO A 366 -22.31 -7.85 1.96
C PRO A 366 -21.07 -7.20 1.35
N THR A 367 -19.92 -7.32 2.00
CA THR A 367 -18.74 -6.60 1.50
C THR A 367 -18.15 -7.30 0.28
N GLU A 368 -18.24 -8.60 0.25
CA GLU A 368 -17.84 -9.32 -0.93
C GLU A 368 -18.81 -8.98 -2.04
N LEU A 369 -20.10 -8.99 -1.74
CA LEU A 369 -21.07 -8.66 -2.78
C LEU A 369 -20.77 -7.28 -3.37
N SER A 370 -20.50 -6.30 -2.50
CA SER A 370 -20.20 -4.95 -2.97
C SER A 370 -18.92 -4.93 -3.81
N GLY A 371 -17.91 -5.72 -3.42
CA GLY A 371 -16.70 -5.81 -4.21
C GLY A 371 -16.96 -6.38 -5.60
N GLN A 372 -17.74 -7.46 -5.66
CA GLN A 372 -18.11 -8.03 -6.95
C GLN A 372 -18.82 -7.01 -7.82
N ARG A 373 -19.70 -6.23 -7.21
CA ARG A 373 -20.43 -5.20 -7.92
C ARG A 373 -19.44 -4.15 -8.46
N SER A 374 -18.42 -3.84 -7.67
CA SER A 374 -17.45 -2.83 -8.09
C SER A 374 -16.56 -3.36 -9.21
N ILE A 375 -16.26 -4.66 -9.18
CA ILE A 375 -15.49 -5.27 -10.26
C ILE A 375 -16.28 -5.23 -11.55
N LYS A 376 -17.54 -5.65 -11.48
CA LYS A 376 -18.39 -5.65 -12.67
C LYS A 376 -18.55 -4.25 -13.22
N THR A 377 -18.72 -3.26 -12.35
CA THR A 377 -18.90 -1.89 -12.81
C THR A 377 -17.65 -1.40 -13.52
N ALA A 378 -16.48 -1.62 -12.89
CA ALA A 378 -15.21 -1.25 -13.54
C ALA A 378 -15.07 -1.94 -14.90
N PHE A 379 -15.46 -3.21 -14.98
CA PHE A 379 -15.36 -3.96 -16.22
C PHE A 379 -16.28 -3.37 -17.29
N VAL A 380 -17.54 -3.12 -16.92
CA VAL A 380 -18.53 -2.62 -17.88
C VAL A 380 -18.10 -1.26 -18.42
N HIS A 381 -17.67 -0.36 -17.52
CA HIS A 381 -17.21 0.95 -17.96
C HIS A 381 -16.01 0.83 -18.89
N LEU A 382 -15.05 -0.03 -18.55
CA LEU A 382 -13.87 -0.18 -19.39
C LEU A 382 -14.22 -0.72 -20.79
N ILE A 383 -15.09 -1.73 -20.86
CA ILE A 383 -15.49 -2.26 -22.16
C ILE A 383 -16.28 -1.24 -22.97
N ARG A 384 -17.14 -0.45 -22.31
CA ARG A 384 -17.88 0.55 -23.09
C ARG A 384 -16.96 1.59 -23.67
N PHE A 385 -16.03 2.09 -22.85
CA PHE A 385 -15.07 3.08 -23.33
C PHE A 385 -14.26 2.51 -24.49
N LEU A 386 -13.77 1.28 -24.34
CA LEU A 386 -12.91 0.71 -25.39
C LEU A 386 -13.69 0.47 -26.67
N HIS A 387 -14.97 0.10 -26.55
CA HIS A 387 -15.80 -0.06 -27.72
C HIS A 387 -15.94 1.26 -28.48
N LEU A 388 -16.19 2.36 -27.76
CA LEU A 388 -16.39 3.59 -28.51
C LEU A 388 -15.07 4.13 -29.03
N ALA A 389 -13.98 3.89 -28.30
CA ALA A 389 -12.67 4.25 -28.82
C ALA A 389 -12.36 3.50 -30.11
N ARG A 390 -12.67 2.20 -30.13
CA ARG A 390 -12.42 1.37 -31.30
C ARG A 390 -13.31 1.79 -32.46
N TRP A 391 -14.56 2.15 -32.16
CA TRP A 391 -15.43 2.60 -33.22
C TRP A 391 -14.88 3.87 -33.85
N SER A 392 -14.46 4.81 -32.99
CA SER A 392 -13.90 6.04 -33.50
C SER A 392 -12.65 5.78 -34.34
N LEU A 393 -11.77 4.94 -33.82
CA LEU A 393 -10.57 4.53 -34.51
C LEU A 393 -10.88 3.98 -35.89
N MET A 394 -11.80 3.01 -35.96
CA MET A 394 -12.15 2.40 -37.23
C MET A 394 -12.65 3.44 -38.22
N LYS A 395 -13.48 4.37 -37.75
CA LYS A 395 -14.03 5.34 -38.70
C LYS A 395 -13.00 6.40 -39.09
N SER A 396 -11.97 6.61 -38.28
CA SER A 396 -10.96 7.60 -38.65
C SER A 396 -10.24 7.20 -39.93
N GLY A 397 -10.05 5.89 -40.13
CA GLY A 397 -9.26 5.38 -41.23
C GLY A 397 -7.76 5.55 -41.09
N LEU A 398 -7.32 5.96 -39.90
CA LEU A 398 -5.90 6.13 -39.61
C LEU A 398 -5.28 4.83 -39.07
N CYS A 399 -6.14 3.88 -38.72
CA CYS A 399 -5.65 2.62 -38.20
C CYS A 399 -5.52 1.64 -39.36
N THR A 400 -4.28 1.45 -39.79
CA THR A 400 -3.95 0.51 -40.86
C THR A 400 -3.99 -0.99 -40.52
N GLY A 401 -3.54 -1.35 -39.31
CA GLY A 401 -3.41 -2.73 -38.96
C GLY A 401 -4.23 -3.10 -37.73
N LEU A 402 -4.56 -4.38 -37.66
CA LEU A 402 -5.21 -4.96 -36.51
C LEU A 402 -4.45 -6.24 -36.18
N VAL A 403 -4.04 -6.39 -34.93
CA VAL A 403 -3.22 -7.52 -34.48
C VAL A 403 -3.77 -8.07 -33.16
N SER A 404 -3.95 -9.38 -33.14
CA SER A 404 -4.27 -10.10 -31.92
C SER A 404 -3.17 -9.88 -30.88
N ASN A 405 -3.55 -9.24 -29.78
CA ASN A 405 -2.67 -8.85 -28.68
C ASN A 405 -2.47 -10.04 -27.77
N THR A 406 -1.25 -10.60 -27.79
CA THR A 406 -0.88 -11.73 -26.96
C THR A 406 0.02 -11.32 -25.81
N TYR A 407 0.29 -10.03 -25.62
CA TYR A 407 1.23 -9.59 -24.60
C TYR A 407 0.54 -9.53 -23.24
N GLY A 408 1.36 -9.28 -22.23
CA GLY A 408 0.86 -8.83 -20.95
C GLY A 408 0.55 -7.35 -21.03
N THR A 409 0.36 -6.77 -19.86
CA THR A 409 0.11 -5.35 -19.78
C THR A 409 1.31 -4.57 -20.28
N ILE A 410 1.06 -3.53 -21.06
CA ILE A 410 2.14 -2.63 -21.47
C ILE A 410 1.81 -1.21 -21.03
N VAL A 411 2.82 -0.34 -21.06
CA VAL A 411 2.70 1.02 -20.55
C VAL A 411 2.65 1.99 -21.73
N CYS A 412 1.63 2.85 -21.73
CA CYS A 412 1.48 3.84 -22.80
C CYS A 412 2.63 4.84 -22.78
N SER A 413 3.15 5.17 -23.95
CA SER A 413 4.38 5.96 -23.98
C SER A 413 4.16 7.44 -23.67
N LEU A 414 2.91 7.89 -23.61
CA LEU A 414 2.62 9.29 -23.36
C LEU A 414 2.11 9.49 -21.93
N CYS A 415 0.90 9.01 -21.66
CA CYS A 415 0.33 9.11 -20.31
C CYS A 415 1.03 8.23 -19.26
N LYS A 416 1.43 7.04 -19.68
CA LYS A 416 1.99 5.97 -18.85
C LYS A 416 0.93 5.05 -18.24
N ARG A 417 -0.31 5.09 -18.72
CA ARG A 417 -1.31 4.19 -18.18
C ARG A 417 -1.09 2.76 -18.65
N ASP A 418 -1.40 1.80 -17.78
CA ASP A 418 -1.30 0.40 -18.14
C ASP A 418 -2.30 0.05 -19.24
N CYS A 419 -1.86 -0.73 -20.21
CA CYS A 419 -2.74 -1.15 -21.29
C CYS A 419 -2.78 -2.66 -21.32
N TYR A 420 -3.95 -3.22 -21.11
CA TYR A 420 -4.15 -4.66 -21.20
C TYR A 420 -5.05 -5.06 -22.36
N LEU A 421 -6.12 -4.32 -22.64
CA LEU A 421 -7.03 -4.74 -23.69
C LEU A 421 -6.52 -4.41 -25.09
N ALA A 422 -5.87 -3.25 -25.23
CA ALA A 422 -5.68 -2.64 -26.53
C ALA A 422 -4.65 -1.54 -26.39
N PHE A 423 -3.81 -1.43 -27.40
CA PHE A 423 -2.97 -0.24 -27.54
C PHE A 423 -2.70 -0.01 -29.02
N ILE A 424 -2.21 1.18 -29.35
CA ILE A 424 -1.89 1.53 -30.73
C ILE A 424 -0.37 1.52 -30.88
N ASN A 425 0.14 0.61 -31.69
CA ASN A 425 1.57 0.48 -31.87
C ASN A 425 2.04 1.26 -33.10
N CYS A 426 3.31 1.57 -33.08
CA CYS A 426 3.99 2.34 -34.08
C CYS A 426 4.83 1.40 -34.96
N GLU A 427 5.67 2.01 -35.79
CA GLU A 427 6.68 1.32 -36.62
C GLU A 427 7.91 0.69 -35.89
N CYS A 428 8.55 1.42 -34.97
CA CYS A 428 9.74 0.89 -34.24
C CYS A 428 9.39 0.11 -32.99
N TYR A 429 8.14 0.17 -32.60
CA TYR A 429 7.75 -0.55 -31.46
C TYR A 429 8.08 0.17 -30.18
N SER A 430 8.59 1.39 -30.26
CA SER A 430 8.91 2.10 -29.02
C SER A 430 7.96 3.23 -28.67
N HIS A 431 6.91 3.46 -29.45
CA HIS A 431 5.93 4.50 -29.12
C HIS A 431 4.48 3.99 -29.10
N PRO A 432 4.20 2.90 -28.38
CA PRO A 432 2.80 2.47 -28.26
C PRO A 432 2.06 3.41 -27.34
N VAL A 433 0.76 3.58 -27.58
CA VAL A 433 -0.05 4.51 -26.82
C VAL A 433 -1.38 3.85 -26.53
N CYS A 434 -1.95 4.17 -25.37
CA CYS A 434 -3.28 3.72 -25.08
C CYS A 434 -4.28 4.42 -25.99
N LEU A 435 -5.52 3.93 -25.98
CA LEU A 435 -6.58 4.45 -26.86
C LEU A 435 -7.18 5.76 -26.35
N ARG A 436 -6.61 6.40 -25.32
CA ARG A 436 -7.07 7.68 -24.83
C ARG A 436 -6.55 8.86 -25.66
N HIS A 437 -5.69 8.58 -26.64
CA HIS A 437 -5.05 9.63 -27.42
C HIS A 437 -5.52 9.72 -28.87
N ASP A 438 -5.68 10.96 -29.34
CA ASP A 438 -6.13 11.18 -30.71
C ASP A 438 -5.01 10.88 -31.69
N VAL A 439 -5.15 9.77 -32.43
CA VAL A 439 -4.06 9.24 -33.24
C VAL A 439 -3.69 10.22 -34.36
N LYS A 440 -4.65 11.06 -34.80
CA LYS A 440 -4.33 12.04 -35.83
C LYS A 440 -3.25 13.02 -35.37
N LYS A 441 -3.18 13.29 -34.07
CA LYS A 441 -2.20 14.23 -33.56
C LYS A 441 -0.98 13.53 -32.98
N LEU A 442 -0.78 12.25 -33.31
CA LEU A 442 0.45 11.57 -32.96
C LEU A 442 1.56 11.97 -33.92
N ASP A 443 2.66 12.49 -33.37
CA ASP A 443 3.80 12.92 -34.18
C ASP A 443 4.96 11.98 -33.86
N LEU A 444 4.98 10.82 -34.53
CA LEU A 444 6.02 9.92 -34.05
C LEU A 444 7.16 9.88 -35.05
N PRO A 445 8.41 9.82 -34.57
CA PRO A 445 9.53 9.78 -35.52
C PRO A 445 9.55 8.53 -36.39
N CYS A 446 8.88 7.46 -35.97
CA CYS A 446 8.99 6.26 -36.77
C CYS A 446 8.10 6.35 -38.02
N GLY A 447 6.97 7.04 -37.95
CA GLY A 447 6.11 7.18 -39.11
C GLY A 447 4.65 7.34 -38.71
N THR A 448 3.78 7.00 -39.67
CA THR A 448 2.36 7.27 -39.51
C THR A 448 1.47 6.03 -39.48
N THR A 449 2.00 4.83 -39.73
CA THR A 449 1.14 3.65 -39.74
C THR A 449 0.89 3.21 -38.30
N HIS A 450 -0.37 3.08 -37.96
CA HIS A 450 -0.81 2.79 -36.61
C HIS A 450 -1.47 1.42 -36.59
N THR A 451 -1.07 0.57 -35.65
CA THR A 451 -1.56 -0.81 -35.61
C THR A 451 -2.29 -1.02 -34.29
N LEU A 452 -3.58 -1.33 -34.35
CA LEU A 452 -4.32 -1.61 -33.14
C LEU A 452 -4.02 -3.03 -32.68
N TYR A 453 -3.46 -3.15 -31.49
CA TYR A 453 -3.32 -4.43 -30.81
C TYR A 453 -4.52 -4.58 -29.89
N LEU A 454 -5.33 -5.62 -30.16
CA LEU A 454 -6.56 -5.89 -29.42
C LEU A 454 -6.56 -7.32 -28.90
N ARG A 455 -7.04 -7.49 -27.67
CA ARG A 455 -7.09 -8.80 -27.00
C ARG A 455 -7.91 -9.73 -27.87
N ASP A 456 -7.53 -11.01 -27.92
CA ASP A 456 -8.22 -11.91 -28.84
C ASP A 456 -9.66 -12.15 -28.41
N ASN A 457 -9.91 -12.23 -27.11
CA ASN A 457 -11.20 -12.69 -26.62
C ASN A 457 -12.14 -11.55 -26.31
N ILE A 458 -12.04 -10.46 -27.08
CA ILE A 458 -12.79 -9.24 -26.77
C ILE A 458 -14.29 -9.47 -26.92
N GLU A 459 -14.69 -10.38 -27.82
CA GLU A 459 -16.12 -10.63 -27.99
C GLU A 459 -16.71 -11.29 -26.74
N ASP A 460 -16.02 -12.30 -26.20
CA ASP A 460 -16.49 -12.91 -24.96
C ASP A 460 -16.62 -11.87 -23.86
N MET A 461 -15.63 -10.99 -23.75
CA MET A 461 -15.65 -9.98 -22.71
C MET A 461 -16.75 -8.96 -22.93
N GLU A 462 -17.06 -8.63 -24.19
CA GLU A 462 -18.21 -7.78 -24.47
C GLU A 462 -19.52 -8.46 -24.07
N ALA A 463 -19.63 -9.76 -24.31
CA ALA A 463 -20.83 -10.49 -23.90
C ALA A 463 -20.98 -10.45 -22.38
N ALA A 464 -19.87 -10.68 -21.68
CA ALA A 464 -19.82 -10.60 -20.24
C ALA A 464 -20.26 -9.23 -19.74
N ALA A 465 -19.77 -8.16 -20.39
CA ALA A 465 -20.17 -6.81 -20.02
C ALA A 465 -21.66 -6.60 -20.21
N MET A 466 -22.21 -7.08 -21.32
CA MET A 466 -23.63 -6.88 -21.56
C MET A 466 -24.49 -7.69 -20.60
N LYS A 467 -23.98 -8.86 -20.17
CA LYS A 467 -24.64 -9.60 -19.11
C LYS A 467 -24.62 -8.80 -17.80
N PHE A 468 -23.45 -8.30 -17.40
CA PHE A 468 -23.32 -7.60 -16.13
C PHE A 468 -24.16 -6.34 -16.09
N GLU A 469 -24.19 -5.59 -17.19
CA GLU A 469 -24.80 -4.27 -17.13
C GLU A 469 -26.31 -4.36 -16.91
N LYS A 470 -26.92 -5.51 -17.20
CA LYS A 470 -28.33 -5.69 -16.85
C LYS A 470 -28.52 -6.14 -15.41
N GLU A 471 -27.44 -6.55 -14.73
CA GLU A 471 -27.56 -7.13 -13.40
C GLU A 471 -27.80 -6.05 -12.34
N ASP A 472 -28.47 -6.46 -11.27
CA ASP A 472 -28.92 -5.52 -10.26
C ASP A 472 -27.75 -4.90 -9.49
N GLY A 473 -27.82 -3.59 -9.28
CA GLY A 473 -26.81 -2.88 -8.54
C GLY A 473 -25.54 -2.59 -9.30
N VAL A 474 -25.47 -2.97 -10.57
CA VAL A 474 -24.29 -2.71 -11.38
C VAL A 474 -24.48 -1.51 -12.31
N SER A 475 -25.70 -0.99 -12.45
CA SER A 475 -25.92 0.25 -13.18
C SER A 475 -25.07 1.42 -12.61
N ALA B 1 11.43 -0.53 -11.20
CA ALA B 1 11.23 -1.98 -11.14
C ALA B 1 10.09 -2.35 -10.22
N ALA B 2 9.68 -3.61 -10.25
CA ALA B 2 8.63 -4.04 -9.33
C ALA B 2 9.28 -3.89 -7.99
N ARG B 3 8.63 -3.11 -7.09
CA ARG B 3 9.03 -2.84 -5.67
C ARG B 3 8.13 -1.89 -4.85
N SER B 5 8.60 1.44 -1.65
CA SER B 5 9.36 2.70 -1.85
C SER B 5 10.16 3.42 -0.73
N ALA B 6 11.24 4.10 -1.15
CA ALA B 6 12.10 4.99 -0.32
C ALA B 6 13.26 5.70 -1.09
N PRO B 7 13.92 6.72 -0.50
CA PRO B 7 15.04 7.41 -1.15
C PRO B 7 16.33 6.64 -0.88
N ALA B 8 17.09 6.39 -1.94
CA ALA B 8 18.34 5.68 -1.80
C ALA B 8 19.46 6.64 -1.42
#